data_1KI6
#
_entry.id   1KI6
#
_cell.length_a   113.600
_cell.length_b   116.400
_cell.length_c   108.400
_cell.angle_alpha   90.00
_cell.angle_beta   90.00
_cell.angle_gamma   90.00
#
_symmetry.space_group_name_H-M   'C 2 2 21'
#
loop_
_entity.id
_entity.type
_entity.pdbx_description
1 polymer 'THYMIDINE KINASE'
2 polymer 'THYMIDINE KINASE'
3 non-polymer 'SULFATE ION'
4 non-polymer "1',5'-ANHYDRO-2',3'-DIDEOXY-2'-(5-IODOURACIL-1-YL)-D-ABABINO-HEXITOL"
5 water water
#
loop_
_entity_poly.entity_id
_entity_poly.type
_entity_poly.pdbx_seq_one_letter_code
_entity_poly.pdbx_strand_id
1 'polypeptide(L)'
;MPTLLRVYIDGPHGMGKTTTTQLLVALGSRDDIVYVPEPMTYWRVLGASETIANIYTTQHRLDQGEISAGDAAVVMTSAQ
ITMGMPYAVTDAVLAPHIGGEAGSSHAPPPALTLIFDRHPIAALLCYPAARYLMGSMTPQAVLAFVALIPPTLPGTNIVL
GALPEDRHIDRLAKRQRPGERLDLAMLAAIRRVYGLLANTVRYLQCGGSWREDWGQLSGTAVPPQGAEPQSNAGARPHIG
DTLFTLFRAPELLAPNGDLYNVFAWALDVLAKRLRSMHVFILDYDQSPAGCRDALLQLTSGMVQTHVTTPGSIPTICDLA
RTFAREMGEAN
;
A
2 'polypeptide(L)'
;MPTLLRVYIDGPHGMGKTTTTQLLVALGSRDDIVYVPEPMTYWRVLGASETIANIYTTQHRLDQGEISAGDAAVVMTSAQ
ITMGMPYAVTDAVLAPHIGGEAGSSHAPPPALTLIFDRHPIAALLCYPAARYLMGSMTPQAVLAFVALIPPTLPGTNIVL
GALPEDRHIDRLAKRQRPGERLDLAMLAAIRRVYGLLANTVRYLQCGGSWREDWGQLSGTAVPPQGAEPQSNAGPRPHIG
DTLFTLFRAPELLAPNGDLYNVFAWALDVLAKRLRSMHVFILDYDQSPAGCRDALLQLTSGMVQTHVTTPGSIPTICDLA
RTFAREMGEAN
;
B
#
loop_
_chem_comp.id
_chem_comp.type
_chem_comp.name
_chem_comp.formula
AHU non-polymer 1',5'-ANHYDRO-2',3'-DIDEOXY-2'-(5-IODOURACIL-1-YL)-D-ABABINO-HEXITOL 'C10 H13 I N2 O5'
SO4 non-polymer 'SULFATE ION' 'O4 S -2'
#
# COMPACT_ATOMS: atom_id res chain seq x y z
N MET A 1 -13.78 18.70 20.34
CA MET A 1 -12.31 18.67 20.65
C MET A 1 -11.47 19.77 19.92
N PRO A 2 -10.11 20.09 20.46
CA PRO A 2 -9.24 21.10 19.85
C PRO A 2 -9.17 20.86 18.34
N THR A 3 -8.71 21.85 17.59
CA THR A 3 -8.61 21.71 16.15
C THR A 3 -7.17 21.54 15.76
N LEU A 4 -6.96 20.97 14.58
CA LEU A 4 -5.64 20.72 14.07
C LEU A 4 -5.54 21.18 12.63
N LEU A 5 -4.40 21.75 12.27
CA LEU A 5 -4.18 22.16 10.88
C LEU A 5 -3.00 21.33 10.36
N ARG A 6 -3.19 20.61 9.26
CA ARG A 6 -2.11 19.84 8.66
C ARG A 6 -1.74 20.46 7.32
N VAL A 7 -0.45 20.64 7.09
CA VAL A 7 0.02 21.24 5.86
C VAL A 7 1.10 20.37 5.29
N TYR A 8 0.91 19.84 4.08
CA TYR A 8 1.96 19.01 3.48
C TYR A 8 2.68 19.84 2.41
N ILE A 9 3.94 20.20 2.64
CA ILE A 9 4.65 20.95 1.60
C ILE A 9 5.23 19.92 0.63
N ASP A 10 4.68 19.87 -0.59
CA ASP A 10 5.14 18.91 -1.59
C ASP A 10 5.54 19.60 -2.88
N GLY A 11 6.02 18.83 -3.85
CA GLY A 11 6.43 19.39 -5.12
C GLY A 11 7.73 18.77 -5.57
N PRO A 12 8.30 19.25 -6.66
CA PRO A 12 9.56 18.63 -7.06
C PRO A 12 10.67 19.00 -6.10
N HIS A 13 11.68 18.14 -6.02
CA HIS A 13 12.86 18.36 -5.21
C HIS A 13 13.67 19.51 -5.85
N GLY A 14 14.55 20.14 -5.07
CA GLY A 14 15.39 21.23 -5.56
C GLY A 14 14.73 22.59 -5.63
N MET A 15 13.67 22.84 -4.86
CA MET A 15 12.98 24.14 -4.88
C MET A 15 13.17 24.98 -3.63
N GLY A 16 13.57 24.35 -2.53
CA GLY A 16 13.80 25.07 -1.29
C GLY A 16 12.72 24.75 -0.29
N LYS A 17 11.93 23.73 -0.58
CA LYS A 17 10.79 23.33 0.25
C LYS A 17 11.11 23.09 1.72
N THR A 18 12.08 22.22 1.99
CA THR A 18 12.44 21.91 3.36
C THR A 18 12.82 23.20 4.04
N THR A 19 13.58 24.05 3.37
CA THR A 19 13.98 25.29 4.00
C THR A 19 12.82 26.12 4.50
N THR A 20 11.95 26.53 3.59
CA THR A 20 10.83 27.38 3.99
C THR A 20 9.97 26.83 5.11
N THR A 21 9.92 25.52 5.27
CA THR A 21 9.12 24.98 6.35
C THR A 21 9.87 25.14 7.66
N GLN A 22 11.20 25.06 7.60
CA GLN A 22 12.04 25.21 8.81
C GLN A 22 11.73 26.59 9.30
N LEU A 23 11.77 27.53 8.35
CA LEU A 23 11.52 28.93 8.60
C LEU A 23 10.16 29.25 9.25
N LEU A 24 9.21 28.32 9.23
CA LEU A 24 7.95 28.61 9.90
C LEU A 24 8.25 28.24 11.38
N ASP A 32 2.78 25.49 19.34
CA ASP A 32 1.57 24.95 18.65
C ASP A 32 1.78 24.67 17.17
N ILE A 33 3.02 24.41 16.79
CA ILE A 33 3.35 24.04 15.42
C ILE A 33 4.51 23.04 15.50
N VAL A 34 4.33 21.89 14.87
CA VAL A 34 5.35 20.88 14.91
C VAL A 34 5.68 20.60 13.47
N TYR A 35 6.87 20.11 13.25
CA TYR A 35 7.39 19.85 11.94
C TYR A 35 7.75 18.34 11.73
N VAL A 36 7.18 17.70 10.72
CA VAL A 36 7.55 16.30 10.43
C VAL A 36 8.42 16.44 9.17
N PRO A 37 9.75 16.44 9.35
CA PRO A 37 10.74 16.58 8.30
C PRO A 37 10.89 15.43 7.33
N GLU A 38 11.93 15.55 6.52
CA GLU A 38 12.22 14.55 5.51
C GLU A 38 12.87 13.38 6.23
N PRO A 39 12.38 12.17 6.00
CA PRO A 39 12.84 10.89 6.58
C PRO A 39 14.23 10.41 6.20
N MET A 40 15.14 11.36 6.00
CA MET A 40 16.51 11.06 5.59
C MET A 40 17.23 9.89 6.26
N THR A 41 17.14 9.77 7.58
CA THR A 41 17.83 8.67 8.26
C THR A 41 17.21 7.31 7.92
N TYR A 42 15.92 7.30 7.63
CA TYR A 42 15.25 6.05 7.27
C TYR A 42 15.68 5.69 5.86
N TRP A 43 15.90 6.69 5.01
CA TRP A 43 16.29 6.42 3.63
C TRP A 43 17.74 5.97 3.55
N ARG A 44 18.59 6.55 4.38
CA ARG A 44 20.01 6.19 4.36
C ARG A 44 20.41 5.02 5.24
N VAL A 45 19.67 4.79 6.32
CA VAL A 45 20.01 3.71 7.24
C VAL A 45 18.94 2.73 7.75
N LEU A 46 17.93 3.25 8.44
CA LEU A 46 16.92 2.40 9.05
C LEU A 46 16.17 1.44 8.15
N GLY A 47 15.76 1.93 6.99
CA GLY A 47 14.99 1.09 6.09
C GLY A 47 15.84 0.28 5.16
N ALA A 48 16.94 0.88 4.74
CA ALA A 48 17.87 0.24 3.84
C ALA A 48 19.12 1.12 3.79
N SER A 49 20.11 0.68 3.03
CA SER A 49 21.36 1.44 2.93
C SER A 49 21.42 2.42 1.74
N GLU A 50 21.57 3.70 2.05
CA GLU A 50 21.66 4.77 1.06
C GLU A 50 20.65 4.64 -0.08
N THR A 51 19.38 4.74 0.23
CA THR A 51 18.40 4.59 -0.83
C THR A 51 18.46 5.66 -1.90
N ILE A 52 18.70 6.93 -1.53
CA ILE A 52 18.75 7.99 -2.53
C ILE A 52 19.81 7.69 -3.57
N ALA A 53 20.95 7.19 -3.12
CA ALA A 53 22.08 6.84 -3.99
C ALA A 53 21.74 5.72 -4.97
N ASN A 54 21.07 4.72 -4.44
CA ASN A 54 20.61 3.54 -5.17
C ASN A 54 19.69 3.97 -6.34
N ILE A 55 18.78 4.89 -6.03
CA ILE A 55 17.84 5.39 -7.01
C ILE A 55 18.57 6.06 -8.18
N TYR A 56 19.35 7.09 -7.88
CA TYR A 56 20.04 7.82 -8.93
C TYR A 56 21.12 7.06 -9.73
N THR A 57 21.74 6.05 -9.11
CA THR A 57 22.75 5.25 -9.78
C THR A 57 22.08 4.35 -10.81
N THR A 58 20.96 3.77 -10.41
CA THR A 58 20.20 2.88 -11.25
C THR A 58 19.81 3.61 -12.52
N GLN A 59 19.26 4.81 -12.38
CA GLN A 59 18.87 5.56 -13.55
C GLN A 59 20.11 5.78 -14.36
N HIS A 60 21.22 6.14 -13.72
CA HIS A 60 22.47 6.31 -14.47
C HIS A 60 22.83 5.04 -15.24
N ARG A 61 22.86 3.91 -14.54
CA ARG A 61 23.14 2.66 -15.19
C ARG A 61 22.17 2.47 -16.37
N LEU A 62 20.87 2.51 -16.09
CA LEU A 62 19.90 2.35 -17.17
C LEU A 62 20.22 3.27 -18.34
N ASP A 63 20.35 4.57 -18.10
CA ASP A 63 20.66 5.55 -19.17
C ASP A 63 21.90 5.18 -19.97
N GLN A 64 22.86 4.57 -19.26
CA GLN A 64 24.14 4.13 -19.80
C GLN A 64 24.03 2.82 -20.56
N GLY A 65 22.96 2.07 -20.28
CA GLY A 65 22.73 0.80 -20.93
C GLY A 65 23.49 -0.33 -20.28
N GLU A 66 24.01 -0.08 -19.09
CA GLU A 66 24.77 -1.09 -18.35
C GLU A 66 23.81 -2.11 -17.71
N ILE A 67 22.51 -1.76 -17.70
CA ILE A 67 21.44 -2.61 -17.15
C ILE A 67 20.23 -2.42 -18.04
N SER A 68 19.22 -3.28 -17.87
CA SER A 68 18.00 -3.22 -18.68
C SER A 68 16.88 -2.53 -17.96
N ALA A 69 15.88 -2.12 -18.71
CA ALA A 69 14.73 -1.43 -18.16
C ALA A 69 14.06 -2.24 -17.08
N GLY A 70 14.04 -3.56 -17.27
CA GLY A 70 13.43 -4.46 -16.31
C GLY A 70 14.17 -4.58 -15.01
N ASP A 71 15.49 -4.40 -15.03
CA ASP A 71 16.32 -4.46 -13.83
C ASP A 71 16.10 -3.17 -13.11
N ALA A 72 16.15 -2.08 -13.89
CA ALA A 72 15.93 -0.74 -13.36
C ALA A 72 14.59 -0.77 -12.61
N ALA A 73 13.52 -1.14 -13.32
CA ALA A 73 12.18 -1.22 -12.74
C ALA A 73 12.06 -1.98 -11.40
N VAL A 74 12.72 -3.13 -11.34
CA VAL A 74 12.74 -3.98 -10.17
C VAL A 74 13.46 -3.27 -9.01
N VAL A 75 14.43 -2.45 -9.36
CA VAL A 75 15.17 -1.74 -8.33
C VAL A 75 14.42 -0.46 -7.94
N MET A 76 13.90 0.23 -8.93
CA MET A 76 13.18 1.45 -8.63
C MET A 76 11.88 1.17 -7.86
N THR A 77 11.20 0.06 -8.17
CA THR A 77 9.96 -0.28 -7.48
C THR A 77 10.21 -0.66 -6.02
N SER A 78 11.31 -1.35 -5.80
CA SER A 78 11.71 -1.75 -4.48
C SER A 78 12.15 -0.51 -3.68
N ALA A 79 12.93 0.38 -4.30
CA ALA A 79 13.38 1.60 -3.63
C ALA A 79 12.22 2.52 -3.26
N GLN A 80 11.28 2.71 -4.16
CA GLN A 80 10.13 3.56 -3.84
C GLN A 80 9.30 3.07 -2.65
N ILE A 81 9.42 1.78 -2.31
CA ILE A 81 8.67 1.21 -1.17
C ILE A 81 9.30 1.79 0.08
N THR A 82 10.63 1.71 0.13
CA THR A 82 11.45 2.22 1.23
C THR A 82 11.25 3.72 1.42
N MET A 83 11.18 4.47 0.30
CA MET A 83 11.00 5.92 0.36
C MET A 83 9.66 6.36 0.90
N GLY A 84 8.64 5.53 0.72
CA GLY A 84 7.33 5.93 1.19
C GLY A 84 6.88 5.41 2.52
N MET A 85 7.64 4.46 3.08
CA MET A 85 7.29 3.82 4.35
C MET A 85 7.02 4.74 5.53
N PRO A 86 7.91 5.70 5.80
CA PRO A 86 7.68 6.63 6.93
C PRO A 86 6.44 7.48 6.73
N TYR A 87 6.15 7.81 5.47
CA TYR A 87 4.98 8.63 5.12
C TYR A 87 3.73 7.83 5.36
N ALA A 88 3.80 6.55 5.01
CA ALA A 88 2.66 5.68 5.16
C ALA A 88 2.29 5.34 6.59
N VAL A 89 3.26 4.96 7.43
CA VAL A 89 2.90 4.63 8.81
C VAL A 89 2.40 5.85 9.54
N THR A 90 3.04 6.98 9.30
CA THR A 90 2.65 8.22 9.92
C THR A 90 1.20 8.52 9.65
N ASP A 91 0.77 8.26 8.42
CA ASP A 91 -0.58 8.53 8.06
C ASP A 91 -1.53 7.53 8.72
N ALA A 92 -1.08 6.29 8.83
CA ALA A 92 -1.90 5.24 9.43
C ALA A 92 -2.08 5.43 10.91
N VAL A 93 -1.02 5.90 11.56
CA VAL A 93 -1.03 6.14 13.00
C VAL A 93 -1.75 7.46 13.33
N LEU A 94 -1.83 8.35 12.35
CA LEU A 94 -2.47 9.65 12.50
C LEU A 94 -3.97 9.59 12.21
N ALA A 95 -4.35 8.86 11.17
CA ALA A 95 -5.74 8.74 10.74
C ALA A 95 -6.89 8.65 11.78
N PRO A 96 -6.70 7.89 12.86
CA PRO A 96 -7.81 7.83 13.81
C PRO A 96 -8.01 9.06 14.68
N HIS A 97 -6.99 9.91 14.76
CA HIS A 97 -7.07 11.12 15.58
C HIS A 97 -7.72 12.27 14.87
N ILE A 98 -7.90 12.13 13.56
CA ILE A 98 -8.46 13.18 12.72
C ILE A 98 -9.98 13.18 12.69
N GLY A 99 -10.57 14.29 13.10
CA GLY A 99 -12.01 14.41 13.08
C GLY A 99 -12.53 15.17 11.86
N GLY A 100 -13.81 15.49 11.86
CA GLY A 100 -14.37 16.20 10.73
C GLY A 100 -13.82 17.59 10.58
N GLU A 101 -14.03 18.18 9.41
CA GLU A 101 -13.53 19.52 9.15
C GLU A 101 -14.15 20.55 10.08
N ALA A 102 -13.29 21.43 10.58
CA ALA A 102 -13.68 22.50 11.51
C ALA A 102 -14.10 23.76 10.78
N PRO A 109 -7.94 30.26 16.75
CA PRO A 109 -6.96 29.64 15.82
C PRO A 109 -6.82 28.15 16.18
N PRO A 110 -6.21 27.31 15.31
CA PRO A 110 -6.05 25.90 15.62
C PRO A 110 -5.15 25.77 16.80
N ALA A 111 -5.30 24.65 17.52
CA ALA A 111 -4.55 24.36 18.71
C ALA A 111 -3.24 23.66 18.41
N LEU A 112 -3.09 23.21 17.16
CA LEU A 112 -1.88 22.53 16.68
C LEU A 112 -1.81 22.61 15.16
N THR A 113 -0.64 22.93 14.65
CA THR A 113 -0.43 23.00 13.21
C THR A 113 0.65 21.98 12.89
N LEU A 114 0.31 21.02 12.04
CA LEU A 114 1.26 19.98 11.68
C LEU A 114 1.75 20.30 10.30
N ILE A 115 3.05 20.61 10.20
CA ILE A 115 3.69 20.92 8.94
C ILE A 115 4.42 19.65 8.59
N PHE A 116 4.15 19.09 7.41
CA PHE A 116 4.80 17.87 6.97
C PHE A 116 5.72 18.18 5.80
N ASP A 117 6.83 17.46 5.71
CA ASP A 117 7.75 17.58 4.61
C ASP A 117 7.28 16.42 3.73
N ARG A 118 6.44 16.75 2.75
CA ARG A 118 5.84 15.83 1.78
C ARG A 118 4.65 14.93 2.23
N HIS A 119 3.73 14.68 1.29
CA HIS A 119 2.56 13.85 1.59
C HIS A 119 2.80 12.44 1.09
N PRO A 120 1.99 11.46 1.53
CA PRO A 120 2.24 10.11 1.03
C PRO A 120 2.22 10.00 -0.49
N ILE A 121 1.45 10.86 -1.18
CA ILE A 121 1.41 10.73 -2.63
C ILE A 121 2.72 10.96 -3.35
N ALA A 122 3.69 11.55 -2.70
CA ALA A 122 4.95 11.79 -3.36
C ALA A 122 5.61 10.46 -3.62
N ALA A 123 5.55 9.58 -2.65
CA ALA A 123 6.19 8.28 -2.82
C ALA A 123 5.30 7.29 -3.51
N LEU A 124 4.01 7.41 -3.27
CA LEU A 124 3.08 6.49 -3.86
C LEU A 124 2.52 6.89 -5.19
N LEU A 125 2.83 8.09 -5.68
CA LEU A 125 2.29 8.51 -6.98
C LEU A 125 3.24 9.28 -7.87
N CYS A 126 3.58 10.50 -7.46
CA CYS A 126 4.47 11.38 -8.23
C CYS A 126 5.84 10.83 -8.59
N TYR A 127 6.60 10.30 -7.64
CA TYR A 127 7.90 9.77 -8.01
C TYR A 127 7.78 8.56 -8.90
N PRO A 128 6.80 7.70 -8.64
CA PRO A 128 6.64 6.53 -9.50
C PRO A 128 6.33 6.97 -10.93
N ALA A 129 5.35 7.84 -11.10
CA ALA A 129 5.01 8.32 -12.43
C ALA A 129 6.26 8.93 -13.12
N ALA A 130 7.00 9.74 -12.37
CA ALA A 130 8.20 10.35 -12.92
C ALA A 130 9.18 9.26 -13.33
N ARG A 131 9.41 8.26 -12.47
CA ARG A 131 10.32 7.18 -12.84
C ARG A 131 9.80 6.37 -14.03
N TYR A 132 8.49 6.28 -14.14
CA TYR A 132 7.90 5.58 -15.27
C TYR A 132 8.26 6.44 -16.51
N LEU A 133 8.08 7.75 -16.38
CA LEU A 133 8.38 8.66 -17.45
C LEU A 133 9.87 8.57 -17.76
N MET A 134 10.66 8.09 -16.82
CA MET A 134 12.10 7.97 -16.98
C MET A 134 12.53 6.65 -17.59
N GLY A 135 11.57 5.74 -17.74
CA GLY A 135 11.84 4.44 -18.30
C GLY A 135 12.29 3.46 -17.26
N SER A 136 12.25 3.85 -15.98
CA SER A 136 12.68 2.99 -14.88
C SER A 136 11.60 2.35 -14.01
N MET A 137 10.32 2.53 -14.36
CA MET A 137 9.21 1.91 -13.62
C MET A 137 8.07 1.56 -14.55
N THR A 138 7.41 0.43 -14.32
CA THR A 138 6.33 0.01 -15.20
C THR A 138 5.07 0.75 -14.83
N PRO A 139 4.18 1.00 -15.81
CA PRO A 139 2.95 1.71 -15.50
C PRO A 139 2.06 0.85 -14.62
N GLN A 140 2.23 -0.47 -14.67
CA GLN A 140 1.45 -1.38 -13.84
C GLN A 140 1.87 -1.20 -12.36
N ALA A 141 3.17 -1.07 -12.11
CA ALA A 141 3.64 -0.85 -10.76
C ALA A 141 3.06 0.47 -10.27
N VAL A 142 3.22 1.53 -11.05
CA VAL A 142 2.68 2.85 -10.71
C VAL A 142 1.23 2.70 -10.21
N LEU A 143 0.41 1.96 -10.94
CA LEU A 143 -0.97 1.77 -10.53
C LEU A 143 -1.09 0.96 -9.24
N ALA A 144 -0.17 0.03 -9.01
CA ALA A 144 -0.21 -0.73 -7.76
C ALA A 144 -0.06 0.25 -6.57
N PHE A 145 0.87 1.18 -6.66
CA PHE A 145 1.09 2.17 -5.61
C PHE A 145 -0.12 3.08 -5.45
N VAL A 146 -0.74 3.41 -6.57
CA VAL A 146 -1.94 4.26 -6.63
C VAL A 146 -3.11 3.60 -5.87
N ALA A 147 -3.26 2.29 -6.05
CA ALA A 147 -4.29 1.50 -5.39
C ALA A 147 -4.02 1.44 -3.87
N LEU A 148 -2.76 1.63 -3.50
CA LEU A 148 -2.33 1.59 -2.10
C LEU A 148 -2.38 2.92 -1.40
N ILE A 149 -2.79 3.97 -2.10
CA ILE A 149 -2.89 5.30 -1.50
C ILE A 149 -3.96 5.32 -0.42
N PRO A 150 -3.56 5.62 0.83
CA PRO A 150 -4.48 5.67 1.96
C PRO A 150 -5.59 6.67 1.77
N PRO A 151 -6.79 6.37 2.30
CA PRO A 151 -7.93 7.27 2.18
C PRO A 151 -7.54 8.69 2.61
N THR A 152 -7.93 9.65 1.78
CA THR A 152 -7.63 11.06 2.00
C THR A 152 -8.48 11.63 3.14
N LEU A 153 -7.83 11.89 4.27
CA LEU A 153 -8.50 12.41 5.45
C LEU A 153 -9.06 13.80 5.20
N PRO A 154 -9.96 14.26 6.07
CA PRO A 154 -10.52 15.60 5.87
C PRO A 154 -9.39 16.56 6.23
N GLY A 155 -9.41 17.75 5.64
CA GLY A 155 -8.38 18.73 5.95
C GLY A 155 -6.99 18.43 5.39
N THR A 156 -6.94 17.78 4.24
CA THR A 156 -5.67 17.48 3.63
C THR A 156 -5.29 18.63 2.70
N ASN A 157 -4.54 19.57 3.26
CA ASN A 157 -4.08 20.76 2.55
C ASN A 157 -2.68 20.42 2.08
N ILE A 158 -2.50 20.45 0.75
CA ILE A 158 -1.25 20.13 0.05
C ILE A 158 -0.73 21.39 -0.60
N VAL A 159 0.50 21.77 -0.28
CA VAL A 159 1.10 22.96 -0.90
C VAL A 159 2.11 22.52 -1.96
N LEU A 160 1.90 22.95 -3.19
CA LEU A 160 2.82 22.55 -4.23
C LEU A 160 3.59 23.79 -4.61
N GLY A 161 4.85 23.65 -5.01
CA GLY A 161 5.65 24.81 -5.37
C GLY A 161 5.79 25.18 -6.84
N ALA A 162 6.02 26.47 -7.09
CA ALA A 162 6.23 27.01 -8.45
C ALA A 162 7.59 27.63 -8.53
N LEU A 163 8.30 27.42 -9.64
CA LEU A 163 9.64 27.97 -9.83
C LEU A 163 10.01 27.77 -11.30
N PRO A 164 10.39 28.84 -12.02
CA PRO A 164 10.76 28.72 -13.44
C PRO A 164 11.83 27.70 -13.57
N GLU A 165 11.80 26.95 -14.67
CA GLU A 165 12.76 25.88 -14.87
C GLU A 165 14.24 26.22 -14.70
N ASP A 166 14.71 27.28 -15.34
CA ASP A 166 16.13 27.68 -15.23
C ASP A 166 16.54 27.98 -13.79
N ARG A 167 15.61 28.56 -13.03
CA ARG A 167 15.83 28.89 -11.63
C ARG A 167 15.89 27.61 -10.84
N HIS A 168 15.03 26.67 -11.19
CA HIS A 168 14.99 25.39 -10.53
C HIS A 168 16.30 24.63 -10.76
N ILE A 169 16.87 24.71 -11.96
CA ILE A 169 18.15 24.05 -12.20
C ILE A 169 19.19 24.63 -11.19
N ASP A 170 19.11 25.93 -10.91
CA ASP A 170 19.98 26.63 -9.97
C ASP A 170 19.84 26.15 -8.51
N ARG A 171 18.61 26.03 -8.04
CA ARG A 171 18.38 25.53 -6.68
C ARG A 171 18.61 24.04 -6.57
N LEU A 172 18.32 23.34 -7.66
CA LEU A 172 18.51 21.91 -7.71
C LEU A 172 19.98 21.62 -7.48
N ALA A 173 20.83 22.38 -8.17
CA ALA A 173 22.27 22.20 -8.10
C ALA A 173 22.84 22.45 -6.75
N LYS A 174 22.38 23.53 -6.11
CA LYS A 174 22.87 23.91 -4.80
C LYS A 174 22.43 22.97 -3.68
N ARG A 175 21.64 21.93 -3.96
CA ARG A 175 21.29 21.02 -2.86
C ARG A 175 20.80 19.62 -3.15
N GLN A 176 21.80 18.80 -3.47
CA GLN A 176 21.64 17.39 -3.77
C GLN A 176 21.81 16.62 -2.46
N ARG A 177 20.88 15.72 -2.16
CA ARG A 177 20.95 14.90 -0.95
C ARG A 177 22.10 13.96 -1.22
N PRO A 178 22.65 13.34 -0.18
CA PRO A 178 23.78 12.42 -0.44
C PRO A 178 23.38 11.27 -1.34
N GLY A 179 24.18 11.01 -2.36
CA GLY A 179 23.87 9.96 -3.29
C GLY A 179 23.21 10.48 -4.55
N GLU A 180 22.60 11.67 -4.48
CA GLU A 180 21.93 12.32 -5.62
C GLU A 180 22.90 12.63 -6.77
N ARG A 181 22.35 12.72 -7.98
CA ARG A 181 23.10 13.07 -9.18
C ARG A 181 22.24 14.18 -9.82
N LEU A 182 22.79 15.12 -10.57
CA LEU A 182 21.92 16.17 -11.17
C LEU A 182 21.37 15.62 -12.44
N ASP A 183 20.15 15.12 -12.37
CA ASP A 183 19.50 14.54 -13.52
C ASP A 183 18.45 15.53 -13.97
N LEU A 184 18.78 16.29 -15.00
CA LEU A 184 17.84 17.26 -15.48
C LEU A 184 16.65 16.64 -16.18
N ALA A 185 16.83 15.39 -16.60
CA ALA A 185 15.77 14.66 -17.25
C ALA A 185 14.76 14.31 -16.16
N MET A 186 15.28 13.93 -15.00
CA MET A 186 14.45 13.58 -13.87
C MET A 186 13.82 14.86 -13.33
N LEU A 187 14.47 15.99 -13.51
CA LEU A 187 13.91 17.24 -13.04
C LEU A 187 12.70 17.58 -13.92
N ALA A 188 12.82 17.40 -15.22
CA ALA A 188 11.70 17.67 -16.11
C ALA A 188 10.50 16.71 -15.90
N ALA A 189 10.78 15.42 -15.71
CA ALA A 189 9.72 14.44 -15.47
C ALA A 189 8.94 14.71 -14.20
N ILE A 190 9.65 15.03 -13.12
CA ILE A 190 9.00 15.29 -11.85
C ILE A 190 8.24 16.61 -11.86
N ARG A 191 8.79 17.61 -12.54
CA ARG A 191 8.12 18.88 -12.67
C ARG A 191 6.85 18.61 -13.47
N ARG A 192 6.96 17.81 -14.52
CA ARG A 192 5.81 17.51 -15.35
C ARG A 192 4.74 16.79 -14.54
N VAL A 193 5.14 15.78 -13.81
CA VAL A 193 4.22 15.04 -12.96
C VAL A 193 3.45 15.90 -11.93
N TYR A 194 4.13 16.82 -11.26
CA TYR A 194 3.45 17.67 -10.29
C TYR A 194 2.55 18.70 -10.95
N GLY A 195 2.91 19.15 -12.15
CA GLY A 195 2.06 20.09 -12.85
C GLY A 195 0.74 19.39 -13.18
N LEU A 196 0.85 18.17 -13.71
CA LEU A 196 -0.31 17.37 -14.01
C LEU A 196 -1.11 17.13 -12.73
N LEU A 197 -0.43 16.77 -11.64
CA LEU A 197 -1.14 16.55 -10.39
C LEU A 197 -1.99 17.76 -10.03
N ALA A 198 -1.48 18.96 -10.21
CA ALA A 198 -2.26 20.14 -9.86
C ALA A 198 -3.46 20.28 -10.79
N ASN A 199 -3.27 19.90 -12.05
CA ASN A 199 -4.34 20.00 -13.01
C ASN A 199 -5.39 18.99 -12.77
N THR A 200 -4.97 17.79 -12.36
CA THR A 200 -5.88 16.70 -12.08
C THR A 200 -6.83 17.07 -10.97
N VAL A 201 -6.33 17.77 -9.96
CA VAL A 201 -7.18 18.16 -8.83
C VAL A 201 -8.24 19.12 -9.29
N ARG A 202 -7.86 20.12 -10.10
CA ARG A 202 -8.82 21.11 -10.64
C ARG A 202 -9.83 20.41 -11.53
N TYR A 203 -9.33 19.57 -12.42
CA TYR A 203 -10.20 18.81 -13.29
C TYR A 203 -11.26 18.10 -12.47
N LEU A 204 -10.81 17.33 -11.48
CA LEU A 204 -11.72 16.60 -10.63
C LEU A 204 -12.72 17.47 -9.86
N GLN A 205 -12.24 18.58 -9.33
CA GLN A 205 -13.10 19.46 -8.57
C GLN A 205 -14.12 20.21 -9.44
N CYS A 206 -13.85 20.25 -10.74
CA CYS A 206 -14.75 20.93 -11.68
C CYS A 206 -15.72 19.94 -12.31
N GLY A 207 -15.79 18.75 -11.71
CA GLY A 207 -16.71 17.72 -12.17
C GLY A 207 -16.16 16.81 -13.25
N GLY A 208 -14.85 16.81 -13.44
CA GLY A 208 -14.29 15.97 -14.47
C GLY A 208 -14.42 14.47 -14.25
N SER A 209 -14.78 13.75 -15.29
CA SER A 209 -14.92 12.29 -15.23
C SER A 209 -13.99 11.75 -16.28
N TRP A 210 -12.91 11.11 -15.83
CA TRP A 210 -11.95 10.56 -16.77
C TRP A 210 -12.54 9.53 -17.72
N ARG A 211 -13.51 8.76 -17.25
CA ARG A 211 -14.14 7.74 -18.10
C ARG A 211 -14.87 8.39 -19.23
N GLU A 212 -15.43 9.55 -18.99
CA GLU A 212 -16.15 10.26 -20.05
C GLU A 212 -15.18 10.92 -21.00
N ASP A 213 -14.14 11.55 -20.45
CA ASP A 213 -13.15 12.24 -21.26
C ASP A 213 -12.06 11.32 -21.80
N TRP A 214 -12.09 10.04 -21.46
CA TRP A 214 -11.06 9.13 -21.95
C TRP A 214 -10.89 9.13 -23.47
N GLY A 215 -11.98 9.15 -24.21
CA GLY A 215 -11.85 9.15 -25.66
C GLY A 215 -11.09 10.31 -26.27
N GLN A 216 -11.05 11.43 -25.56
CA GLN A 216 -10.37 12.63 -26.03
C GLN A 216 -8.85 12.46 -26.09
N LEU A 217 -8.38 11.35 -25.50
CA LEU A 217 -6.95 11.05 -25.51
C LEU A 217 -6.60 10.35 -26.78
N SER A 218 -7.60 9.82 -27.49
CA SER A 218 -7.37 9.18 -28.78
C SER A 218 -7.92 10.13 -29.87
N ALA A 235 -14.40 26.39 -17.49
CA ALA A 235 -13.32 26.10 -16.48
C ALA A 235 -13.08 24.59 -16.39
N ARG A 236 -11.85 24.20 -16.03
CA ARG A 236 -11.37 22.80 -15.87
C ARG A 236 -10.39 22.41 -16.95
N PRO A 237 -9.33 21.70 -16.56
CA PRO A 237 -8.34 21.29 -17.55
C PRO A 237 -8.83 20.17 -18.46
N HIS A 238 -8.14 20.02 -19.57
CA HIS A 238 -8.41 18.97 -20.53
C HIS A 238 -7.76 17.70 -19.96
N ILE A 239 -8.47 16.58 -20.03
CA ILE A 239 -7.98 15.32 -19.48
C ILE A 239 -6.59 15.01 -20.00
N GLY A 240 -6.23 15.62 -21.12
CA GLY A 240 -4.92 15.41 -21.72
C GLY A 240 -3.86 16.21 -20.98
N ASP A 241 -4.30 16.97 -19.97
CA ASP A 241 -3.41 17.79 -19.16
C ASP A 241 -3.49 17.40 -17.68
N THR A 242 -3.93 16.19 -17.41
CA THR A 242 -4.05 15.68 -16.06
C THR A 242 -3.28 14.36 -16.03
N LEU A 243 -3.05 13.79 -14.84
CA LEU A 243 -2.33 12.51 -14.73
C LEU A 243 -2.94 11.39 -15.55
N PHE A 244 -4.23 11.44 -15.79
CA PHE A 244 -4.88 10.41 -16.56
C PHE A 244 -4.22 10.15 -17.89
N THR A 245 -3.59 11.16 -18.46
CA THR A 245 -2.93 10.98 -19.75
C THR A 245 -1.73 10.04 -19.69
N LEU A 246 -1.13 9.87 -18.51
CA LEU A 246 0.01 8.98 -18.38
C LEU A 246 -0.39 7.50 -18.49
N PHE A 247 -1.62 7.19 -18.14
CA PHE A 247 -2.08 5.81 -18.14
C PHE A 247 -2.76 5.33 -19.41
N ARG A 248 -2.38 5.97 -20.49
CA ARG A 248 -2.87 5.67 -21.79
C ARG A 248 -1.65 4.96 -22.35
N ALA A 249 -1.11 4.03 -21.58
CA ALA A 249 0.07 3.30 -21.95
C ALA A 249 -0.34 1.95 -22.56
N PRO A 250 0.34 1.51 -23.65
CA PRO A 250 0.04 0.25 -24.34
C PRO A 250 0.11 -1.03 -23.50
N GLU A 251 0.76 -0.95 -22.34
CA GLU A 251 0.88 -2.08 -21.43
C GLU A 251 -0.43 -2.34 -20.71
N LEU A 252 -1.19 -1.25 -20.51
CA LEU A 252 -2.46 -1.25 -19.79
C LEU A 252 -3.66 -1.39 -20.65
N LEU A 253 -3.46 -1.41 -21.96
CA LEU A 253 -4.56 -1.52 -22.90
C LEU A 253 -4.62 -2.92 -23.43
N ALA A 254 -5.83 -3.32 -23.80
CA ALA A 254 -6.09 -4.63 -24.35
C ALA A 254 -5.90 -4.54 -25.84
N PRO A 255 -5.77 -5.69 -26.53
CA PRO A 255 -5.60 -5.71 -27.97
C PRO A 255 -6.50 -4.76 -28.76
N ASN A 256 -7.55 -4.24 -28.16
CA ASN A 256 -8.46 -3.36 -28.86
C ASN A 256 -8.42 -1.94 -28.33
N GLY A 257 -7.39 -1.62 -27.58
CA GLY A 257 -7.27 -0.27 -27.04
C GLY A 257 -7.89 -0.07 -25.67
N ASP A 258 -8.93 -0.83 -25.35
CA ASP A 258 -9.56 -0.69 -24.07
C ASP A 258 -8.64 -0.86 -22.88
N LEU A 259 -8.80 0.02 -21.88
CA LEU A 259 -8.02 -0.07 -20.63
C LEU A 259 -8.53 -1.32 -19.93
N TYR A 260 -7.64 -2.11 -19.37
CA TYR A 260 -8.09 -3.25 -18.62
C TYR A 260 -8.82 -2.73 -17.40
N ASN A 261 -9.85 -3.45 -16.96
CA ASN A 261 -10.65 -3.02 -15.82
C ASN A 261 -9.84 -2.79 -14.57
N VAL A 262 -8.90 -3.70 -14.28
CA VAL A 262 -8.06 -3.55 -13.08
C VAL A 262 -7.40 -2.20 -13.07
N PHE A 263 -6.93 -1.75 -14.23
CA PHE A 263 -6.24 -0.49 -14.29
C PHE A 263 -7.27 0.63 -14.21
N ALA A 264 -8.44 0.42 -14.80
CA ALA A 264 -9.51 1.41 -14.79
C ALA A 264 -9.96 1.64 -13.36
N TRP A 265 -9.95 0.58 -12.58
CA TRP A 265 -10.31 0.70 -11.20
C TRP A 265 -9.25 1.47 -10.44
N ALA A 266 -7.98 1.26 -10.78
CA ALA A 266 -6.88 1.98 -10.12
C ALA A 266 -7.04 3.47 -10.37
N LEU A 267 -7.61 3.83 -11.52
CA LEU A 267 -7.85 5.23 -11.86
C LEU A 267 -9.04 5.80 -11.08
N ASP A 268 -9.99 4.93 -10.74
CA ASP A 268 -11.15 5.35 -9.95
C ASP A 268 -10.63 5.74 -8.57
N VAL A 269 -9.66 4.97 -8.08
CA VAL A 269 -9.05 5.26 -6.78
C VAL A 269 -8.22 6.54 -6.90
N LEU A 270 -7.52 6.72 -8.02
CA LEU A 270 -6.73 7.92 -8.20
C LEU A 270 -7.63 9.12 -8.09
N ALA A 271 -8.75 9.07 -8.81
CA ALA A 271 -9.74 10.13 -8.83
C ALA A 271 -10.29 10.40 -7.47
N LYS A 272 -10.59 9.32 -6.75
CA LYS A 272 -11.15 9.43 -5.41
C LYS A 272 -10.19 10.08 -4.44
N ARG A 273 -8.96 9.59 -4.41
CA ARG A 273 -7.98 10.11 -3.46
C ARG A 273 -7.67 11.60 -3.62
N LEU A 274 -7.50 12.02 -4.87
CA LEU A 274 -7.16 13.39 -5.17
C LEU A 274 -8.26 14.43 -5.04
N ARG A 275 -9.50 14.04 -5.26
CA ARG A 275 -10.60 14.99 -5.25
C ARG A 275 -10.93 15.70 -3.96
N SER A 276 -10.52 15.14 -2.83
CA SER A 276 -10.84 15.74 -1.54
C SER A 276 -9.68 16.55 -0.98
N MET A 277 -8.58 16.55 -1.72
CA MET A 277 -7.36 17.26 -1.36
C MET A 277 -7.50 18.75 -1.61
N HIS A 278 -6.89 19.56 -0.75
CA HIS A 278 -6.96 20.99 -0.91
C HIS A 278 -5.54 21.37 -1.32
N VAL A 279 -5.41 21.82 -2.56
CA VAL A 279 -4.13 22.17 -3.12
C VAL A 279 -3.92 23.66 -3.08
N PHE A 280 -2.75 24.08 -2.60
CA PHE A 280 -2.39 25.50 -2.55
C PHE A 280 -1.02 25.64 -3.22
N ILE A 281 -0.85 26.68 -4.05
CA ILE A 281 0.41 26.87 -4.79
C ILE A 281 1.32 27.92 -4.18
N LEU A 282 2.57 27.54 -3.89
CA LEU A 282 3.51 28.47 -3.31
C LEU A 282 4.61 28.77 -4.31
N ASP A 283 4.81 30.05 -4.55
CA ASP A 283 5.81 30.53 -5.46
C ASP A 283 7.20 30.50 -4.81
N TYR A 284 8.09 29.66 -5.30
CA TYR A 284 9.42 29.59 -4.71
C TYR A 284 10.42 30.52 -5.38
N ASP A 285 9.97 31.41 -6.25
CA ASP A 285 10.89 32.29 -6.94
C ASP A 285 11.10 33.56 -6.17
N GLN A 286 11.43 33.40 -4.90
CA GLN A 286 11.66 34.52 -4.02
C GLN A 286 12.66 34.05 -2.98
N SER A 287 12.86 34.86 -1.93
CA SER A 287 13.81 34.56 -0.85
C SER A 287 13.19 33.69 0.21
N PRO A 288 14.01 32.95 0.95
CA PRO A 288 13.53 32.06 2.04
C PRO A 288 12.57 32.74 3.01
N ALA A 289 12.84 34.00 3.37
CA ALA A 289 11.96 34.69 4.31
C ALA A 289 10.65 34.98 3.59
N GLY A 290 10.74 35.20 2.27
CA GLY A 290 9.59 35.48 1.42
C GLY A 290 8.74 34.23 1.24
N CYS A 291 9.38 33.10 0.98
CA CYS A 291 8.64 31.86 0.82
C CYS A 291 7.93 31.54 2.13
N ARG A 292 8.63 31.80 3.22
CA ARG A 292 8.11 31.57 4.56
C ARG A 292 6.89 32.45 4.73
N ASP A 293 7.01 33.72 4.34
CA ASP A 293 5.88 34.68 4.44
C ASP A 293 4.69 34.27 3.58
N ALA A 294 5.00 33.90 2.33
CA ALA A 294 4.01 33.43 1.39
C ALA A 294 3.28 32.19 1.93
N LEU A 295 4.02 31.27 2.54
CA LEU A 295 3.43 30.05 3.12
C LEU A 295 2.46 30.35 4.24
N LEU A 296 2.74 31.43 4.98
CA LEU A 296 1.87 31.83 6.07
C LEU A 296 0.58 32.47 5.62
N GLN A 297 0.59 33.13 4.46
CA GLN A 297 -0.64 33.74 3.97
C GLN A 297 -1.59 32.67 3.48
N LEU A 298 -1.06 31.72 2.72
CA LEU A 298 -1.85 30.63 2.16
C LEU A 298 -2.53 29.90 3.28
N THR A 299 -1.85 29.85 4.41
CA THR A 299 -2.37 29.15 5.58
C THR A 299 -3.82 29.53 5.97
N SER A 300 -4.24 30.74 5.64
CA SER A 300 -5.59 31.19 5.98
C SER A 300 -6.72 30.44 5.28
N GLY A 301 -6.56 30.15 3.99
CA GLY A 301 -7.60 29.41 3.29
C GLY A 301 -7.51 27.90 3.43
N MET A 302 -6.70 27.40 4.37
CA MET A 302 -6.53 25.95 4.54
C MET A 302 -7.60 25.36 5.42
N VAL A 303 -7.95 24.10 5.18
CA VAL A 303 -9.00 23.47 5.97
C VAL A 303 -8.52 22.85 7.27
N GLN A 304 -9.18 23.19 8.37
CA GLN A 304 -8.83 22.65 9.67
C GLN A 304 -9.79 21.53 10.00
N THR A 305 -9.48 20.81 11.06
CA THR A 305 -10.30 19.70 11.49
C THR A 305 -10.18 19.56 13.01
N HIS A 306 -11.13 18.83 13.59
CA HIS A 306 -11.15 18.57 15.01
C HIS A 306 -10.38 17.27 15.20
N VAL A 307 -9.91 17.01 16.42
CA VAL A 307 -9.24 15.76 16.68
C VAL A 307 -10.31 14.86 17.28
N THR A 308 -10.03 13.58 17.34
CA THR A 308 -11.00 12.60 17.83
C THR A 308 -11.13 12.49 19.35
N THR A 309 -10.15 13.00 20.08
CA THR A 309 -10.19 12.97 21.54
C THR A 309 -9.44 14.21 22.01
N PRO A 310 -9.60 14.60 23.28
CA PRO A 310 -8.87 15.80 23.67
C PRO A 310 -7.38 15.44 23.65
N GLY A 311 -7.09 14.22 24.09
CA GLY A 311 -5.73 13.71 24.13
C GLY A 311 -5.15 13.32 22.78
N SER A 312 -5.61 13.93 21.70
CA SER A 312 -5.05 13.59 20.40
C SER A 312 -3.96 14.61 20.10
N ILE A 313 -4.18 15.86 20.50
CA ILE A 313 -3.21 16.92 20.28
C ILE A 313 -1.82 16.54 20.82
N PRO A 314 -1.71 16.19 22.12
CA PRO A 314 -0.44 15.83 22.74
C PRO A 314 0.19 14.62 22.06
N THR A 315 -0.64 13.60 21.81
CA THR A 315 -0.19 12.37 21.15
C THR A 315 0.38 12.66 19.74
N ILE A 316 -0.32 13.49 18.98
CA ILE A 316 0.14 13.88 17.66
C ILE A 316 1.50 14.58 17.80
N CYS A 317 1.62 15.40 18.83
CA CYS A 317 2.84 16.13 19.09
C CYS A 317 4.01 15.20 19.25
N ASP A 318 3.91 14.27 20.19
CA ASP A 318 5.00 13.32 20.43
C ASP A 318 5.34 12.57 19.16
N LEU A 319 4.31 12.18 18.43
CA LEU A 319 4.47 11.43 17.18
C LEU A 319 5.41 12.22 16.30
N ALA A 320 5.06 13.47 16.04
CA ALA A 320 5.85 14.33 15.17
C ALA A 320 7.23 14.57 15.72
N ARG A 321 7.28 14.86 17.02
CA ARG A 321 8.54 15.11 17.66
C ARG A 321 9.43 13.89 17.69
N THR A 322 8.83 12.71 17.74
CA THR A 322 9.60 11.47 17.76
C THR A 322 10.04 11.09 16.35
N PHE A 323 9.17 11.34 15.36
CA PHE A 323 9.48 11.05 13.96
C PHE A 323 10.71 11.87 13.60
N ALA A 324 10.66 13.16 13.91
CA ALA A 324 11.77 14.07 13.63
C ALA A 324 13.11 13.65 14.27
N ARG A 325 13.07 13.34 15.56
CA ARG A 325 14.26 12.98 16.33
C ARG A 325 14.93 11.75 15.81
N GLU A 326 14.11 10.81 15.32
CA GLU A 326 14.60 9.53 14.82
C GLU A 326 14.96 9.48 13.34
N MET A 327 14.13 10.09 12.50
CA MET A 327 14.39 10.03 11.07
C MET A 327 14.93 11.30 10.44
N GLY A 328 14.85 12.42 11.15
CA GLY A 328 15.38 13.65 10.62
C GLY A 328 16.89 13.60 10.59
N GLU A 329 17.48 14.39 9.70
CA GLU A 329 18.92 14.47 9.56
C GLU A 329 19.29 15.87 9.05
N MET B 1 -32.16 -1.54 4.34
CA MET B 1 -31.26 -1.75 3.16
C MET B 1 -30.82 -3.24 3.13
N PRO B 2 -30.25 -3.69 1.99
CA PRO B 2 -29.77 -5.07 1.92
C PRO B 2 -28.50 -5.36 2.69
N THR B 3 -28.35 -6.62 3.08
CA THR B 3 -27.18 -7.04 3.82
C THR B 3 -26.24 -7.78 2.89
N LEU B 4 -24.95 -7.81 3.26
CA LEU B 4 -23.91 -8.46 2.48
C LEU B 4 -23.05 -9.34 3.38
N LEU B 5 -22.66 -10.50 2.87
CA LEU B 5 -21.78 -11.40 3.62
C LEU B 5 -20.50 -11.54 2.80
N ARG B 6 -19.36 -11.25 3.41
CA ARG B 6 -18.10 -11.40 2.72
C ARG B 6 -17.29 -12.51 3.38
N VAL B 7 -16.77 -13.41 2.59
CA VAL B 7 -15.98 -14.50 3.12
C VAL B 7 -14.70 -14.55 2.33
N TYR B 8 -13.56 -14.42 3.01
CA TYR B 8 -12.26 -14.50 2.34
C TYR B 8 -11.68 -15.85 2.69
N ILE B 9 -11.53 -16.75 1.72
CA ILE B 9 -10.93 -18.05 2.03
C ILE B 9 -9.41 -17.87 1.86
N ASP B 10 -8.65 -17.92 2.96
CA ASP B 10 -7.21 -17.71 2.90
C ASP B 10 -6.46 -18.85 3.54
N GLY B 11 -5.13 -18.77 3.51
CA GLY B 11 -4.33 -19.82 4.12
C GLY B 11 -3.18 -20.21 3.23
N PRO B 12 -2.41 -21.24 3.56
CA PRO B 12 -1.32 -21.57 2.66
C PRO B 12 -1.81 -22.14 1.35
N HIS B 13 -0.93 -22.17 0.36
CA HIS B 13 -1.27 -22.69 -0.96
C HIS B 13 -1.14 -24.21 -0.94
N GLY B 14 -1.79 -24.87 -1.89
CA GLY B 14 -1.72 -26.30 -1.96
C GLY B 14 -2.68 -27.02 -1.02
N MET B 15 -3.76 -26.38 -0.62
CA MET B 15 -4.72 -27.01 0.28
C MET B 15 -6.06 -27.39 -0.39
N GLY B 16 -6.37 -26.75 -1.52
CA GLY B 16 -7.62 -27.03 -2.22
C GLY B 16 -8.57 -25.87 -2.03
N LYS B 17 -8.07 -24.76 -1.51
CA LYS B 17 -8.88 -23.59 -1.24
C LYS B 17 -9.72 -23.09 -2.39
N THR B 18 -9.10 -22.87 -3.54
CA THR B 18 -9.82 -22.36 -4.70
C THR B 18 -10.92 -23.32 -5.08
N THR B 19 -10.64 -24.62 -5.01
CA THR B 19 -11.64 -25.61 -5.37
C THR B 19 -12.92 -25.48 -4.55
N THR B 20 -12.79 -25.60 -3.24
CA THR B 20 -13.95 -25.56 -2.36
C THR B 20 -14.82 -24.32 -2.50
N THR B 21 -14.23 -23.21 -2.90
CA THR B 21 -15.04 -22.02 -3.08
C THR B 21 -15.81 -22.14 -4.40
N GLN B 22 -15.23 -22.78 -5.40
CA GLN B 22 -15.92 -22.93 -6.67
C GLN B 22 -17.14 -23.73 -6.32
N LEU B 23 -16.93 -24.80 -5.56
CA LEU B 23 -17.99 -25.70 -5.16
C LEU B 23 -19.09 -25.05 -4.37
N LEU B 24 -18.71 -24.07 -3.59
CA LEU B 24 -19.61 -23.38 -2.74
C LEU B 24 -20.48 -22.45 -3.54
N VAL B 25 -19.90 -21.85 -4.57
CA VAL B 25 -20.64 -20.95 -5.45
C VAL B 25 -21.53 -21.73 -6.40
N ALA B 26 -21.22 -23.01 -6.59
CA ALA B 26 -21.99 -23.87 -7.49
C ALA B 26 -23.31 -24.25 -6.87
N LEU B 27 -23.50 -23.81 -5.63
CA LEU B 27 -24.66 -24.10 -4.78
C LEU B 27 -25.73 -23.00 -4.63
N ASP B 32 -27.25 -15.17 -5.90
CA ASP B 32 -26.88 -14.35 -4.73
C ASP B 32 -25.54 -14.71 -4.09
N ILE B 33 -24.66 -15.30 -4.88
CA ILE B 33 -23.32 -15.60 -4.41
C ILE B 33 -22.41 -15.40 -5.62
N VAL B 34 -21.38 -14.60 -5.45
CA VAL B 34 -20.47 -14.35 -6.54
C VAL B 34 -19.11 -14.74 -6.02
N TYR B 35 -18.21 -15.05 -6.94
CA TYR B 35 -16.88 -15.53 -6.63
C TYR B 35 -15.80 -14.60 -7.20
N VAL B 36 -14.87 -14.14 -6.35
CA VAL B 36 -13.75 -13.34 -6.85
C VAL B 36 -12.52 -14.26 -6.73
N PRO B 37 -12.00 -14.74 -7.87
CA PRO B 37 -10.85 -15.65 -7.89
C PRO B 37 -9.44 -15.13 -7.79
N GLU B 38 -8.51 -16.06 -7.77
CA GLU B 38 -7.09 -15.74 -7.72
C GLU B 38 -6.88 -15.07 -9.06
N PRO B 39 -6.18 -13.93 -9.08
CA PRO B 39 -5.96 -13.23 -10.35
C PRO B 39 -4.75 -13.71 -11.19
N MET B 40 -4.71 -15.01 -11.50
CA MET B 40 -3.63 -15.61 -12.29
C MET B 40 -3.30 -14.87 -13.59
N THR B 41 -4.32 -14.44 -14.33
CA THR B 41 -4.04 -13.75 -15.58
C THR B 41 -3.31 -12.45 -15.29
N TYR B 42 -3.60 -11.81 -14.15
CA TYR B 42 -2.90 -10.57 -13.80
C TYR B 42 -1.46 -10.93 -13.38
N TRP B 43 -1.30 -12.07 -12.73
CA TRP B 43 0.02 -12.51 -12.32
C TRP B 43 0.86 -12.99 -13.49
N ARG B 44 0.24 -13.64 -14.45
CA ARG B 44 0.99 -14.15 -15.60
C ARG B 44 1.11 -13.22 -16.78
N VAL B 45 0.17 -12.27 -16.91
CA VAL B 45 0.19 -11.36 -18.04
C VAL B 45 -0.05 -9.85 -17.86
N LEU B 46 -1.22 -9.51 -17.38
CA LEU B 46 -1.57 -8.11 -17.27
C LEU B 46 -0.65 -7.24 -16.44
N GLY B 47 -0.18 -7.76 -15.31
CA GLY B 47 0.64 -6.92 -14.46
C GLY B 47 2.09 -7.03 -14.77
N ALA B 48 2.47 -8.21 -15.20
CA ALA B 48 3.83 -8.51 -15.54
C ALA B 48 3.85 -9.90 -16.18
N SER B 49 5.04 -10.36 -16.54
CA SER B 49 5.20 -11.64 -17.19
C SER B 49 5.55 -12.78 -16.24
N GLU B 50 4.65 -13.77 -16.12
CA GLU B 50 4.85 -14.97 -15.28
C GLU B 50 5.40 -14.64 -13.89
N THR B 51 4.65 -13.91 -13.09
CA THR B 51 5.18 -13.57 -11.79
C THR B 51 5.43 -14.75 -10.88
N ILE B 52 4.55 -15.75 -10.89
CA ILE B 52 4.73 -16.91 -10.00
C ILE B 52 6.06 -17.58 -10.27
N ALA B 53 6.41 -17.68 -11.54
CA ALA B 53 7.66 -18.30 -11.99
C ALA B 53 8.85 -17.51 -11.50
N ASN B 54 8.75 -16.20 -11.63
CA ASN B 54 9.78 -15.23 -11.20
C ASN B 54 10.09 -15.42 -9.70
N ILE B 55 9.02 -15.49 -8.90
CA ILE B 55 9.13 -15.68 -7.47
C ILE B 55 9.90 -16.95 -7.09
N TYR B 56 9.44 -18.10 -7.56
CA TYR B 56 10.08 -19.37 -7.21
C TYR B 56 11.48 -19.61 -7.78
N THR B 57 11.79 -18.99 -8.91
CA THR B 57 13.11 -19.12 -9.51
C THR B 57 14.14 -18.35 -8.68
N THR B 58 13.71 -17.16 -8.25
CA THR B 58 14.53 -16.29 -7.44
C THR B 58 14.97 -17.00 -6.17
N GLN B 59 14.00 -17.59 -5.49
CA GLN B 59 14.31 -18.31 -4.26
C GLN B 59 15.29 -19.40 -4.64
N HIS B 60 15.03 -20.11 -5.74
CA HIS B 60 15.94 -21.15 -6.16
C HIS B 60 17.33 -20.58 -6.36
N ARG B 61 17.42 -19.51 -7.11
CA ARG B 61 18.71 -18.90 -7.34
C ARG B 61 19.33 -18.57 -5.99
N LEU B 62 18.63 -17.82 -5.17
CA LEU B 62 19.16 -17.46 -3.87
C LEU B 62 19.66 -18.71 -3.14
N ASP B 63 18.80 -19.70 -2.98
CA ASP B 63 19.19 -20.93 -2.28
C ASP B 63 20.47 -21.56 -2.85
N GLN B 64 20.61 -21.42 -4.16
CA GLN B 64 21.74 -21.96 -4.91
C GLN B 64 22.98 -21.11 -4.75
N GLY B 65 22.78 -19.84 -4.38
CA GLY B 65 23.88 -18.91 -4.19
C GLY B 65 24.30 -18.27 -5.50
N GLU B 66 23.45 -18.41 -6.52
CA GLU B 66 23.72 -17.82 -7.82
C GLU B 66 23.44 -16.31 -7.80
N ILE B 67 22.79 -15.85 -6.73
CA ILE B 67 22.47 -14.42 -6.54
C ILE B 67 22.58 -14.16 -5.04
N SER B 68 22.51 -12.89 -4.66
CA SER B 68 22.62 -12.51 -3.27
C SER B 68 21.27 -12.23 -2.66
N ALA B 69 21.23 -12.21 -1.34
CA ALA B 69 20.01 -11.92 -0.58
C ALA B 69 19.41 -10.58 -0.99
N GLY B 70 20.29 -9.62 -1.26
CA GLY B 70 19.88 -8.27 -1.65
C GLY B 70 19.22 -8.21 -3.00
N ASP B 71 19.64 -9.07 -3.93
CA ASP B 71 19.05 -9.16 -5.28
C ASP B 71 17.72 -9.86 -5.12
N ALA B 72 17.73 -10.96 -4.37
CA ALA B 72 16.52 -11.72 -4.10
C ALA B 72 15.47 -10.74 -3.57
N ALA B 73 15.79 -10.05 -2.48
CA ALA B 73 14.89 -9.08 -1.84
C ALA B 73 14.27 -8.01 -2.78
N VAL B 74 15.10 -7.47 -3.64
CA VAL B 74 14.70 -6.46 -4.60
C VAL B 74 13.71 -7.08 -5.58
N VAL B 75 13.89 -8.37 -5.89
CA VAL B 75 12.99 -9.05 -6.81
C VAL B 75 11.71 -9.53 -6.12
N MET B 76 11.84 -10.03 -4.90
CA MET B 76 10.67 -10.49 -4.16
C MET B 76 9.75 -9.35 -3.78
N THR B 77 10.34 -8.23 -3.41
CA THR B 77 9.57 -7.06 -3.01
C THR B 77 8.82 -6.52 -4.20
N SER B 78 9.48 -6.50 -5.34
CA SER B 78 8.86 -6.02 -6.56
C SER B 78 7.75 -7.01 -6.99
N ALA B 79 8.03 -8.31 -6.93
CA ALA B 79 7.04 -9.31 -7.31
C ALA B 79 5.81 -9.28 -6.41
N GLN B 80 6.01 -9.13 -5.10
CA GLN B 80 4.88 -9.06 -4.18
C GLN B 80 3.96 -7.85 -4.39
N ILE B 81 4.44 -6.81 -5.07
CA ILE B 81 3.64 -5.64 -5.35
C ILE B 81 2.62 -6.08 -6.41
N THR B 82 3.13 -6.75 -7.44
CA THR B 82 2.32 -7.26 -8.55
C THR B 82 1.27 -8.25 -8.05
N MET B 83 1.68 -9.12 -7.13
CA MET B 83 0.79 -10.13 -6.60
C MET B 83 -0.37 -9.60 -5.80
N GLY B 84 -0.18 -8.44 -5.17
CA GLY B 84 -1.22 -7.89 -4.35
C GLY B 84 -2.09 -6.84 -4.96
N MET B 85 -1.70 -6.36 -6.14
CA MET B 85 -2.42 -5.32 -6.84
C MET B 85 -3.94 -5.52 -7.07
N PRO B 86 -4.35 -6.68 -7.60
CA PRO B 86 -5.77 -6.93 -7.83
C PRO B 86 -6.56 -6.93 -6.55
N TYR B 87 -5.94 -7.43 -5.49
CA TYR B 87 -6.54 -7.51 -4.18
C TYR B 87 -6.78 -6.14 -3.63
N ALA B 88 -5.79 -5.29 -3.79
CA ALA B 88 -5.82 -3.92 -3.30
C ALA B 88 -6.82 -3.02 -4.01
N VAL B 89 -6.90 -3.03 -5.35
CA VAL B 89 -7.88 -2.17 -6.02
C VAL B 89 -9.30 -2.61 -5.72
N THR B 90 -9.49 -3.93 -5.70
CA THR B 90 -10.80 -4.53 -5.40
C THR B 90 -11.31 -4.04 -4.07
N ASP B 91 -10.45 -3.97 -3.07
CA ASP B 91 -10.81 -3.51 -1.75
C ASP B 91 -11.11 -2.00 -1.73
N ALA B 92 -10.34 -1.21 -2.48
CA ALA B 92 -10.53 0.24 -2.53
C ALA B 92 -11.81 0.60 -3.26
N VAL B 93 -12.13 -0.17 -4.29
CA VAL B 93 -13.35 0.04 -5.10
C VAL B 93 -14.58 -0.51 -4.36
N LEU B 94 -14.34 -1.44 -3.45
CA LEU B 94 -15.40 -2.05 -2.66
C LEU B 94 -15.73 -1.28 -1.40
N ALA B 95 -14.70 -0.80 -0.71
CA ALA B 95 -14.83 -0.03 0.55
C ALA B 95 -15.97 0.96 0.75
N PRO B 96 -16.30 1.77 -0.26
CA PRO B 96 -17.40 2.71 -0.02
C PRO B 96 -18.82 2.12 -0.02
N HIS B 97 -18.97 0.92 -0.57
CA HIS B 97 -20.26 0.26 -0.64
C HIS B 97 -20.58 -0.51 0.63
N ILE B 98 -19.60 -0.65 1.49
CA ILE B 98 -19.76 -1.41 2.70
C ILE B 98 -20.33 -0.56 3.84
N GLY B 99 -21.46 -1.00 4.39
CA GLY B 99 -22.09 -0.31 5.50
C GLY B 99 -21.80 -0.97 6.84
N GLY B 100 -22.43 -0.50 7.89
CA GLY B 100 -22.18 -1.07 9.20
C GLY B 100 -22.62 -2.51 9.30
N GLU B 101 -22.15 -3.20 10.33
CA GLU B 101 -22.50 -4.59 10.54
C GLU B 101 -23.98 -4.79 10.74
N ALA B 102 -24.49 -5.83 10.08
CA ALA B 102 -25.90 -6.15 10.14
C ALA B 102 -26.23 -7.12 11.27
N PRO B 109 -30.99 -13.71 5.44
CA PRO B 109 -30.10 -14.35 4.43
C PRO B 109 -29.52 -13.21 3.64
N PRO B 110 -28.20 -13.22 3.42
CA PRO B 110 -27.60 -12.12 2.68
C PRO B 110 -28.20 -12.01 1.29
N ALA B 111 -28.40 -10.78 0.81
CA ALA B 111 -28.92 -10.61 -0.54
C ALA B 111 -27.79 -10.91 -1.55
N LEU B 112 -26.55 -10.97 -1.05
CA LEU B 112 -25.35 -11.26 -1.86
C LEU B 112 -24.26 -11.81 -0.95
N THR B 113 -23.57 -12.83 -1.41
CA THR B 113 -22.49 -13.43 -0.66
C THR B 113 -21.32 -13.32 -1.57
N LEU B 114 -20.27 -12.66 -1.10
CA LEU B 114 -19.06 -12.48 -1.89
C LEU B 114 -18.00 -13.40 -1.36
N ILE B 115 -17.62 -14.38 -2.15
CA ILE B 115 -16.59 -15.35 -1.79
C ILE B 115 -15.34 -14.86 -2.49
N PHE B 116 -14.32 -14.58 -1.72
CA PHE B 116 -13.07 -14.13 -2.30
C PHE B 116 -12.01 -15.23 -2.21
N ASP B 117 -11.02 -15.09 -3.07
CA ASP B 117 -9.95 -16.03 -3.08
C ASP B 117 -8.79 -15.26 -2.46
N ARG B 118 -8.63 -15.45 -1.16
CA ARG B 118 -7.64 -14.77 -0.35
C ARG B 118 -8.02 -13.31 -0.05
N HIS B 119 -7.37 -12.74 0.96
CA HIS B 119 -7.64 -11.39 1.39
C HIS B 119 -6.40 -10.57 1.07
N PRO B 120 -6.51 -9.23 1.07
CA PRO B 120 -5.32 -8.43 0.78
C PRO B 120 -4.13 -8.75 1.67
N ILE B 121 -4.35 -9.23 2.89
CA ILE B 121 -3.23 -9.53 3.77
C ILE B 121 -2.35 -10.67 3.30
N ALA B 122 -2.82 -11.49 2.37
CA ALA B 122 -1.97 -12.58 1.89
C ALA B 122 -0.77 -12.01 1.15
N ALA B 123 -1.01 -10.98 0.33
CA ALA B 123 0.06 -10.37 -0.45
C ALA B 123 0.79 -9.34 0.33
N LEU B 124 0.06 -8.61 1.14
CA LEU B 124 0.64 -7.55 1.94
C LEU B 124 1.23 -7.96 3.28
N LEU B 125 1.03 -9.19 3.72
CA LEU B 125 1.56 -9.60 5.02
C LEU B 125 2.15 -11.01 5.09
N CYS B 126 1.30 -12.01 4.90
CA CYS B 126 1.70 -13.40 5.00
C CYS B 126 2.81 -13.86 4.07
N TYR B 127 2.69 -13.58 2.78
CA TYR B 127 3.74 -14.01 1.87
C TYR B 127 5.03 -13.25 2.14
N PRO B 128 4.93 -11.95 2.43
CA PRO B 128 6.16 -11.21 2.70
C PRO B 128 6.87 -11.78 3.92
N ALA B 129 6.16 -11.98 5.03
CA ALA B 129 6.75 -12.55 6.25
C ALA B 129 7.37 -13.91 5.92
N ALA B 130 6.67 -14.72 5.14
CA ALA B 130 7.18 -16.04 4.79
C ALA B 130 8.49 -15.89 4.00
N ARG B 131 8.49 -14.98 3.02
CA ARG B 131 9.70 -14.73 2.22
C ARG B 131 10.83 -14.18 3.06
N TYR B 132 10.47 -13.37 4.07
CA TYR B 132 11.46 -12.83 5.00
C TYR B 132 12.03 -14.05 5.73
N LEU B 133 11.15 -14.92 6.20
CA LEU B 133 11.56 -16.13 6.88
C LEU B 133 12.44 -16.96 5.93
N MET B 134 12.25 -16.78 4.63
CA MET B 134 12.98 -17.53 3.62
C MET B 134 14.33 -16.91 3.26
N GLY B 135 14.56 -15.73 3.78
CA GLY B 135 15.78 -15.01 3.52
C GLY B 135 15.73 -14.22 2.23
N SER B 136 14.54 -14.07 1.66
CA SER B 136 14.39 -13.37 0.40
C SER B 136 13.72 -12.02 0.46
N MET B 137 13.55 -11.50 1.68
CA MET B 137 12.89 -10.22 1.88
C MET B 137 13.40 -9.62 3.16
N THR B 138 13.42 -8.30 3.25
CA THR B 138 13.88 -7.67 4.47
C THR B 138 12.72 -7.44 5.38
N PRO B 139 12.93 -7.45 6.70
CA PRO B 139 11.84 -7.22 7.63
C PRO B 139 11.36 -5.77 7.48
N GLN B 140 12.21 -4.87 6.98
CA GLN B 140 11.80 -3.47 6.79
C GLN B 140 10.77 -3.39 5.68
N ALA B 141 10.98 -4.17 4.63
CA ALA B 141 10.06 -4.21 3.51
C ALA B 141 8.74 -4.78 4.01
N VAL B 142 8.80 -5.91 4.70
CA VAL B 142 7.60 -6.52 5.25
C VAL B 142 6.76 -5.44 5.97
N LEU B 143 7.40 -4.63 6.81
CA LEU B 143 6.68 -3.59 7.54
C LEU B 143 6.11 -2.50 6.64
N ALA B 144 6.80 -2.20 5.54
CA ALA B 144 6.28 -1.22 4.59
C ALA B 144 4.94 -1.72 4.04
N PHE B 145 4.86 -3.02 3.73
CA PHE B 145 3.62 -3.58 3.19
C PHE B 145 2.54 -3.58 4.26
N VAL B 146 2.94 -3.86 5.49
CA VAL B 146 2.03 -3.91 6.65
C VAL B 146 1.42 -2.54 6.87
N ALA B 147 2.22 -1.49 6.65
CA ALA B 147 1.73 -0.12 6.83
C ALA B 147 0.79 0.27 5.70
N LEU B 148 0.84 -0.48 4.60
CA LEU B 148 -0.01 -0.23 3.44
C LEU B 148 -1.28 -1.05 3.47
N ILE B 149 -1.49 -1.84 4.53
CA ILE B 149 -2.71 -2.63 4.63
C ILE B 149 -3.91 -1.71 4.74
N PRO B 150 -4.88 -1.83 3.80
CA PRO B 150 -6.08 -1.00 3.82
C PRO B 150 -6.93 -1.22 5.05
N PRO B 151 -7.62 -0.18 5.52
CA PRO B 151 -8.48 -0.28 6.70
C PRO B 151 -9.42 -1.47 6.61
N THR B 152 -9.50 -2.24 7.70
CA THR B 152 -10.31 -3.45 7.77
C THR B 152 -11.78 -3.10 7.89
N LEU B 153 -12.51 -3.30 6.80
CA LEU B 153 -13.93 -2.97 6.76
C LEU B 153 -14.70 -3.85 7.76
N PRO B 154 -15.93 -3.45 8.09
CA PRO B 154 -16.74 -4.24 9.01
C PRO B 154 -17.13 -5.51 8.26
N GLY B 155 -17.35 -6.60 8.96
CA GLY B 155 -17.74 -7.83 8.30
C GLY B 155 -16.64 -8.55 7.54
N THR B 156 -15.40 -8.40 7.99
CA THR B 156 -14.31 -9.06 7.31
C THR B 156 -14.11 -10.43 7.91
N ASN B 157 -14.76 -11.39 7.31
CA ASN B 157 -14.69 -12.75 7.76
C ASN B 157 -13.59 -13.39 6.93
N ILE B 158 -12.58 -13.91 7.61
CA ILE B 158 -11.43 -14.60 6.99
C ILE B 158 -11.44 -16.09 7.38
N VAL B 159 -11.44 -16.99 6.41
CA VAL B 159 -11.41 -18.41 6.71
C VAL B 159 -10.01 -18.89 6.42
N LEU B 160 -9.37 -19.50 7.41
CA LEU B 160 -8.02 -20.01 7.21
C LEU B 160 -8.12 -21.52 7.25
N GLY B 161 -7.29 -22.22 6.50
CA GLY B 161 -7.37 -23.67 6.51
C GLY B 161 -6.38 -24.46 7.35
N ALA B 162 -6.80 -25.65 7.76
CA ALA B 162 -5.97 -26.55 8.56
C ALA B 162 -5.78 -27.82 7.77
N LEU B 163 -4.58 -28.40 7.88
CA LEU B 163 -4.26 -29.64 7.18
C LEU B 163 -2.92 -30.14 7.72
N PRO B 164 -2.86 -31.36 8.23
CA PRO B 164 -1.59 -31.88 8.75
C PRO B 164 -0.49 -31.71 7.72
N GLU B 165 0.72 -31.49 8.20
CA GLU B 165 1.84 -31.25 7.31
C GLU B 165 2.08 -32.29 6.23
N ASP B 166 2.10 -33.56 6.58
CA ASP B 166 2.35 -34.62 5.57
C ASP B 166 1.28 -34.64 4.48
N ARG B 167 0.04 -34.39 4.88
CA ARG B 167 -1.08 -34.35 3.95
C ARG B 167 -0.90 -33.14 3.06
N HIS B 168 -0.43 -32.05 3.63
CA HIS B 168 -0.19 -30.83 2.86
C HIS B 168 0.92 -31.03 1.82
N ILE B 169 2.04 -31.60 2.29
CA ILE B 169 3.26 -31.90 1.51
C ILE B 169 2.95 -32.66 0.23
N ASP B 170 2.19 -33.73 0.39
CA ASP B 170 1.78 -34.53 -0.73
C ASP B 170 0.81 -33.74 -1.59
N ARG B 171 -0.18 -33.07 -0.99
CA ARG B 171 -1.12 -32.28 -1.79
C ARG B 171 -0.43 -31.13 -2.47
N LEU B 172 0.56 -30.52 -1.84
CA LEU B 172 1.23 -29.39 -2.49
C LEU B 172 1.68 -29.83 -3.84
N ALA B 173 2.46 -30.91 -3.85
CA ALA B 173 3.01 -31.50 -5.07
C ALA B 173 1.92 -31.69 -6.09
N LYS B 174 0.68 -31.72 -5.62
CA LYS B 174 -0.46 -31.93 -6.48
C LYS B 174 -1.22 -30.65 -6.81
N ARG B 175 -0.66 -29.52 -6.36
CA ARG B 175 -1.30 -28.27 -6.67
C ARG B 175 -0.34 -27.20 -7.16
N GLN B 176 0.60 -27.63 -7.96
CA GLN B 176 1.60 -26.72 -8.54
C GLN B 176 0.96 -25.85 -9.61
N ARG B 177 1.10 -24.55 -9.41
CA ARG B 177 0.63 -23.51 -10.31
C ARG B 177 1.75 -23.46 -11.38
N PRO B 178 1.47 -22.95 -12.60
CA PRO B 178 2.54 -22.91 -13.61
C PRO B 178 3.65 -21.96 -13.16
N GLY B 179 4.86 -22.50 -13.09
CA GLY B 179 6.02 -21.75 -12.63
C GLY B 179 6.39 -22.06 -11.17
N GLU B 180 5.53 -22.73 -10.44
CA GLU B 180 5.84 -23.02 -9.05
C GLU B 180 6.87 -24.15 -8.99
N ARG B 181 7.50 -24.33 -7.84
CA ARG B 181 8.43 -25.43 -7.66
C ARG B 181 8.05 -26.04 -6.31
N LEU B 182 8.38 -27.31 -6.09
CA LEU B 182 8.06 -27.91 -4.81
C LEU B 182 9.12 -27.51 -3.78
N ASP B 183 8.87 -26.39 -3.11
CA ASP B 183 9.78 -25.84 -2.09
C ASP B 183 9.12 -26.06 -0.72
N LEU B 184 9.49 -27.15 -0.06
CA LEU B 184 8.93 -27.51 1.26
C LEU B 184 9.35 -26.56 2.38
N ALA B 185 10.45 -25.86 2.16
CA ALA B 185 10.93 -24.88 3.12
C ALA B 185 9.94 -23.70 3.09
N MET B 186 9.45 -23.37 1.90
CA MET B 186 8.51 -22.29 1.73
C MET B 186 7.17 -22.77 2.25
N LEU B 187 6.94 -24.08 2.22
CA LEU B 187 5.67 -24.62 2.70
C LEU B 187 5.66 -24.47 4.22
N ALA B 188 6.78 -24.78 4.88
CA ALA B 188 6.83 -24.64 6.33
C ALA B 188 6.74 -23.18 6.79
N ALA B 189 7.40 -22.27 6.08
CA ALA B 189 7.39 -20.83 6.41
C ALA B 189 6.00 -20.25 6.33
N ILE B 190 5.30 -20.56 5.24
CA ILE B 190 3.95 -20.03 5.03
C ILE B 190 2.95 -20.62 6.01
N ARG B 191 3.14 -21.91 6.33
CA ARG B 191 2.27 -22.58 7.28
C ARG B 191 2.52 -21.91 8.62
N ARG B 192 3.79 -21.67 8.94
CA ARG B 192 4.12 -21.04 10.21
C ARG B 192 3.50 -19.64 10.28
N VAL B 193 3.68 -18.85 9.22
CA VAL B 193 3.15 -17.50 9.17
C VAL B 193 1.63 -17.45 9.40
N TYR B 194 0.87 -18.31 8.74
CA TYR B 194 -0.58 -18.31 8.94
C TYR B 194 -1.02 -18.83 10.32
N GLY B 195 -0.24 -19.74 10.89
CA GLY B 195 -0.58 -20.18 12.23
C GLY B 195 -0.45 -18.98 13.17
N LEU B 196 0.66 -18.27 13.04
CA LEU B 196 0.90 -17.09 13.83
C LEU B 196 -0.25 -16.10 13.57
N LEU B 197 -0.62 -15.91 12.31
CA LEU B 197 -1.69 -14.97 12.04
C LEU B 197 -2.93 -15.29 12.82
N ALA B 198 -3.27 -16.57 12.89
CA ALA B 198 -4.47 -16.93 13.63
C ALA B 198 -4.33 -16.62 15.13
N ASN B 199 -3.13 -16.81 15.66
CA ASN B 199 -2.86 -16.59 17.06
C ASN B 199 -2.88 -15.14 17.37
N THR B 200 -2.38 -14.34 16.44
CA THR B 200 -2.32 -12.90 16.63
C THR B 200 -3.72 -12.33 16.77
N VAL B 201 -4.63 -12.85 15.99
CA VAL B 201 -6.00 -12.37 16.06
C VAL B 201 -6.60 -12.71 17.42
N ARG B 202 -6.37 -13.93 17.91
CA ARG B 202 -6.90 -14.30 19.22
C ARG B 202 -6.24 -13.47 20.29
N TYR B 203 -4.92 -13.34 20.22
CA TYR B 203 -4.20 -12.54 21.19
C TYR B 203 -4.83 -11.17 21.25
N LEU B 204 -5.01 -10.56 20.09
CA LEU B 204 -5.57 -9.20 20.01
C LEU B 204 -6.97 -9.07 20.53
N GLN B 205 -7.78 -10.07 20.24
CA GLN B 205 -9.15 -10.04 20.70
C GLN B 205 -9.27 -10.34 22.21
N CYS B 206 -8.24 -10.94 22.79
CA CYS B 206 -8.24 -11.23 24.22
C CYS B 206 -7.60 -10.09 25.00
N GLY B 207 -7.45 -8.94 24.35
CA GLY B 207 -6.90 -7.75 24.98
C GLY B 207 -5.38 -7.65 24.98
N GLY B 208 -4.71 -8.44 24.15
CA GLY B 208 -3.27 -8.41 24.08
C GLY B 208 -2.66 -7.11 23.56
N SER B 209 -1.61 -6.65 24.23
CA SER B 209 -0.92 -5.43 23.84
C SER B 209 0.51 -5.85 23.61
N TRP B 210 0.95 -5.81 22.37
CA TRP B 210 2.30 -6.19 22.06
C TRP B 210 3.34 -5.34 22.76
N ARG B 211 3.07 -4.05 22.95
CA ARG B 211 4.00 -3.14 23.65
C ARG B 211 4.23 -3.60 25.07
N GLU B 212 3.18 -4.12 25.71
CA GLU B 212 3.29 -4.60 27.08
C GLU B 212 3.99 -5.92 27.12
N ASP B 213 3.63 -6.81 26.22
CA ASP B 213 4.25 -8.13 26.19
C ASP B 213 5.57 -8.17 25.45
N TRP B 214 6.00 -7.06 24.86
CA TRP B 214 7.24 -7.07 24.11
C TRP B 214 8.40 -7.64 24.88
N GLY B 215 8.57 -7.23 26.14
CA GLY B 215 9.70 -7.73 26.93
C GLY B 215 9.81 -9.25 27.06
N GLN B 216 8.67 -9.91 26.89
CA GLN B 216 8.55 -11.36 26.98
C GLN B 216 9.16 -12.16 25.84
N LEU B 217 9.21 -11.56 24.64
CA LEU B 217 9.85 -12.27 23.52
C LEU B 217 11.28 -12.56 23.95
N ALA B 233 -11.22 -18.92 19.42
CA ALA B 233 -11.49 -19.40 20.80
C ALA B 233 -10.20 -19.82 21.52
N GLY B 234 -10.34 -20.32 22.75
CA GLY B 234 -9.17 -20.70 23.51
C GLY B 234 -8.70 -19.49 24.31
N PRO B 235 -7.69 -19.66 25.15
CA PRO B 235 -7.20 -18.54 25.94
C PRO B 235 -6.36 -17.65 25.02
N ARG B 236 -5.71 -16.65 25.59
CA ARG B 236 -4.87 -15.80 24.78
C ARG B 236 -3.45 -16.37 24.62
N PRO B 237 -2.92 -16.31 23.40
CA PRO B 237 -1.59 -16.80 23.10
C PRO B 237 -0.48 -15.92 23.68
N HIS B 238 0.69 -16.52 23.78
CA HIS B 238 1.87 -15.85 24.27
C HIS B 238 2.35 -15.05 23.05
N ILE B 239 2.72 -13.78 23.27
CA ILE B 239 3.21 -12.93 22.20
C ILE B 239 4.29 -13.64 21.38
N GLY B 240 4.96 -14.61 21.97
CA GLY B 240 5.99 -15.35 21.29
C GLY B 240 5.40 -16.32 20.29
N ASP B 241 4.07 -16.41 20.26
CA ASP B 241 3.34 -17.31 19.37
C ASP B 241 2.42 -16.53 18.41
N THR B 242 2.74 -15.27 18.16
CA THR B 242 1.99 -14.38 17.31
C THR B 242 2.99 -13.75 16.33
N LEU B 243 2.52 -13.08 15.29
CA LEU B 243 3.38 -12.44 14.30
C LEU B 243 4.40 -11.45 14.91
N PHE B 244 4.05 -10.86 16.02
CA PHE B 244 4.94 -9.93 16.66
C PHE B 244 6.30 -10.49 16.90
N THR B 245 6.40 -11.81 17.06
CA THR B 245 7.71 -12.39 17.31
C THR B 245 8.63 -12.30 16.10
N LEU B 246 8.07 -12.16 14.90
CA LEU B 246 8.91 -12.07 13.71
C LEU B 246 9.69 -10.75 13.62
N PHE B 247 9.12 -9.70 14.19
CA PHE B 247 9.71 -8.37 14.12
C PHE B 247 10.68 -8.00 15.23
N ARG B 248 11.26 -9.04 15.81
CA ARG B 248 12.24 -8.90 16.87
C ARG B 248 13.52 -9.18 16.12
N ALA B 249 13.64 -8.54 14.96
CA ALA B 249 14.78 -8.73 14.09
C ALA B 249 15.81 -7.62 14.35
N PRO B 250 17.11 -7.97 14.38
CA PRO B 250 18.19 -7.01 14.64
C PRO B 250 18.28 -5.82 13.68
N GLU B 251 17.61 -5.90 12.53
CA GLU B 251 17.60 -4.83 11.57
C GLU B 251 16.72 -3.71 12.07
N LEU B 252 15.69 -4.09 12.81
CA LEU B 252 14.69 -3.15 13.32
C LEU B 252 14.98 -2.65 14.73
N LEU B 253 16.13 -3.08 15.27
CA LEU B 253 16.57 -2.74 16.65
C LEU B 253 17.60 -1.60 16.83
N ALA B 254 17.17 -0.58 17.58
CA ALA B 254 17.98 0.60 17.88
C ALA B 254 19.15 0.18 18.76
N PRO B 255 20.16 1.08 18.88
CA PRO B 255 21.36 0.83 19.69
C PRO B 255 21.02 0.33 21.11
N ASN B 256 19.95 0.89 21.68
CA ASN B 256 19.50 0.50 23.03
C ASN B 256 18.71 -0.82 23.10
N GLY B 257 18.69 -1.57 22.00
CA GLY B 257 17.98 -2.83 22.00
C GLY B 257 16.50 -2.65 21.76
N ASP B 258 16.03 -1.40 21.68
CA ASP B 258 14.61 -1.13 21.44
C ASP B 258 14.25 -1.00 19.97
N LEU B 259 13.03 -1.35 19.65
CA LEU B 259 12.55 -1.25 18.30
C LEU B 259 12.53 0.21 17.90
N TYR B 260 12.86 0.51 16.65
CA TYR B 260 12.78 1.87 16.22
C TYR B 260 11.31 2.21 16.20
N ASN B 261 10.99 3.47 16.44
CA ASN B 261 9.61 3.90 16.49
C ASN B 261 8.87 3.62 15.22
N VAL B 262 9.50 3.93 14.08
CA VAL B 262 8.85 3.69 12.77
C VAL B 262 8.32 2.28 12.66
N PHE B 263 9.12 1.32 13.11
CA PHE B 263 8.74 -0.08 13.06
C PHE B 263 7.71 -0.38 14.14
N ALA B 264 7.82 0.30 15.29
CA ALA B 264 6.86 0.13 16.37
C ALA B 264 5.50 0.61 15.89
N TRP B 265 5.48 1.71 15.14
CA TRP B 265 4.23 2.21 14.62
C TRP B 265 3.65 1.25 13.60
N ALA B 266 4.51 0.61 12.80
CA ALA B 266 4.04 -0.38 11.82
C ALA B 266 3.34 -1.54 12.53
N LEU B 267 3.78 -1.86 13.74
CA LEU B 267 3.16 -2.93 14.53
C LEU B 267 1.82 -2.46 15.14
N ASP B 268 1.68 -1.16 15.38
CA ASP B 268 0.44 -0.61 15.90
C ASP B 268 -0.62 -0.80 14.82
N VAL B 269 -0.22 -0.56 13.57
CA VAL B 269 -1.11 -0.73 12.41
C VAL B 269 -1.42 -2.22 12.24
N LEU B 270 -0.42 -3.09 12.43
CA LEU B 270 -0.63 -4.54 12.32
C LEU B 270 -1.75 -4.92 13.30
N ALA B 271 -1.58 -4.50 14.55
CA ALA B 271 -2.53 -4.76 15.61
C ALA B 271 -3.90 -4.21 15.28
N LYS B 272 -3.92 -3.02 14.73
CA LYS B 272 -5.17 -2.39 14.41
C LYS B 272 -5.91 -3.12 13.33
N ARG B 273 -5.22 -3.42 12.23
CA ARG B 273 -5.86 -4.09 11.11
C ARG B 273 -6.39 -5.49 11.44
N LEU B 274 -5.63 -6.27 12.18
CA LEU B 274 -6.04 -7.64 12.50
C LEU B 274 -7.12 -7.77 13.56
N ARG B 275 -7.22 -6.83 14.48
CA ARG B 275 -8.18 -6.94 15.59
C ARG B 275 -9.66 -6.92 15.28
N SER B 276 -10.05 -6.46 14.11
CA SER B 276 -11.46 -6.37 13.79
C SER B 276 -11.88 -7.45 12.82
N MET B 277 -10.93 -8.30 12.47
CA MET B 277 -11.14 -9.39 11.53
C MET B 277 -11.81 -10.56 12.21
N HIS B 278 -12.67 -11.26 11.48
CA HIS B 278 -13.34 -12.42 12.04
C HIS B 278 -12.71 -13.63 11.38
N VAL B 279 -11.97 -14.38 12.18
CA VAL B 279 -11.27 -15.57 11.70
C VAL B 279 -12.03 -16.85 11.98
N PHE B 280 -12.18 -17.68 10.96
CA PHE B 280 -12.85 -18.96 11.09
C PHE B 280 -11.89 -20.00 10.50
N ILE B 281 -11.78 -21.16 11.15
CA ILE B 281 -10.85 -22.18 10.67
C ILE B 281 -11.56 -23.30 9.95
N LEU B 282 -11.09 -23.65 8.77
CA LEU B 282 -11.71 -24.72 8.01
C LEU B 282 -10.70 -25.84 7.87
N ASP B 283 -11.16 -27.04 8.21
CA ASP B 283 -10.36 -28.24 8.13
C ASP B 283 -10.33 -28.78 6.69
N TYR B 284 -9.16 -28.75 6.09
CA TYR B 284 -9.04 -29.28 4.75
C TYR B 284 -8.65 -30.76 4.69
N ASP B 285 -8.70 -31.46 5.80
CA ASP B 285 -8.32 -32.86 5.76
C ASP B 285 -9.52 -33.72 5.53
N GLN B 286 -10.27 -33.41 4.50
CA GLN B 286 -11.46 -34.16 4.13
C GLN B 286 -11.60 -34.06 2.61
N SER B 287 -12.74 -34.47 2.08
CA SER B 287 -13.01 -34.42 0.65
C SER B 287 -13.55 -33.07 0.24
N PRO B 288 -13.44 -32.72 -1.05
CA PRO B 288 -13.92 -31.47 -1.60
C PRO B 288 -15.39 -31.17 -1.27
N ALA B 289 -16.25 -32.19 -1.33
CA ALA B 289 -17.65 -31.96 -0.99
C ALA B 289 -17.73 -31.69 0.53
N GLY B 290 -16.84 -32.32 1.30
CA GLY B 290 -16.81 -32.13 2.74
C GLY B 290 -16.32 -30.75 3.11
N CYS B 291 -15.26 -30.29 2.46
CA CYS B 291 -14.73 -28.95 2.74
C CYS B 291 -15.81 -27.93 2.41
N ARG B 292 -16.51 -28.15 1.30
CA ARG B 292 -17.60 -27.30 0.85
C ARG B 292 -18.68 -27.28 1.95
N ASP B 293 -19.04 -28.46 2.47
CA ASP B 293 -20.08 -28.56 3.49
C ASP B 293 -19.64 -27.88 4.76
N ALA B 294 -18.39 -28.11 5.15
CA ALA B 294 -17.78 -27.50 6.31
C ALA B 294 -17.79 -25.98 6.19
N LEU B 295 -17.50 -25.47 5.00
CA LEU B 295 -17.46 -24.03 4.75
C LEU B 295 -18.82 -23.41 4.90
N LEU B 296 -19.84 -24.17 4.54
CA LEU B 296 -21.21 -23.67 4.65
C LEU B 296 -21.71 -23.58 6.06
N GLN B 297 -21.20 -24.43 6.97
CA GLN B 297 -21.65 -24.39 8.37
C GLN B 297 -21.05 -23.21 9.06
N LEU B 298 -19.76 -22.98 8.82
CA LEU B 298 -19.03 -21.86 9.40
C LEU B 298 -19.72 -20.57 8.99
N THR B 299 -20.25 -20.55 7.77
CA THR B 299 -20.93 -19.38 7.26
C THR B 299 -21.97 -18.78 8.22
N SER B 300 -22.55 -19.59 9.11
CA SER B 300 -23.57 -19.07 10.03
C SER B 300 -23.04 -18.06 11.06
N GLY B 301 -21.87 -18.34 11.65
CA GLY B 301 -21.34 -17.40 12.63
C GLY B 301 -20.55 -16.24 12.03
N MET B 302 -20.69 -16.00 10.72
CA MET B 302 -19.97 -14.92 10.05
C MET B 302 -20.73 -13.59 10.12
N VAL B 303 -20.00 -12.49 10.20
CA VAL B 303 -20.63 -11.19 10.30
C VAL B 303 -21.05 -10.60 8.97
N GLN B 304 -22.31 -10.18 8.89
CA GLN B 304 -22.87 -9.57 7.71
C GLN B 304 -22.85 -8.05 7.87
N THR B 305 -23.13 -7.34 6.78
CA THR B 305 -23.15 -5.88 6.83
C THR B 305 -24.15 -5.37 5.81
N HIS B 306 -24.57 -4.13 5.97
CA HIS B 306 -25.49 -3.49 5.04
C HIS B 306 -24.64 -2.83 3.98
N VAL B 307 -25.24 -2.57 2.82
CA VAL B 307 -24.51 -1.88 1.79
C VAL B 307 -24.85 -0.40 1.97
N THR B 308 -24.08 0.46 1.33
CA THR B 308 -24.26 1.90 1.45
C THR B 308 -25.37 2.46 0.55
N THR B 309 -25.66 1.74 -0.53
CA THR B 309 -26.68 2.10 -1.52
C THR B 309 -27.35 0.74 -1.83
N PRO B 310 -28.69 0.67 -1.86
CA PRO B 310 -29.26 -0.65 -2.16
C PRO B 310 -28.71 -1.13 -3.54
N GLY B 311 -28.42 -0.14 -4.41
CA GLY B 311 -27.83 -0.39 -5.73
C GLY B 311 -26.33 -0.70 -5.67
N SER B 312 -25.84 -0.99 -4.47
CA SER B 312 -24.46 -1.37 -4.26
C SER B 312 -24.40 -2.84 -4.58
N ILE B 313 -25.47 -3.59 -4.25
CA ILE B 313 -25.54 -5.01 -4.52
C ILE B 313 -25.21 -5.35 -5.99
N PRO B 314 -25.95 -4.75 -6.94
CA PRO B 314 -25.74 -4.99 -8.37
C PRO B 314 -24.33 -4.63 -8.79
N THR B 315 -23.90 -3.45 -8.35
CA THR B 315 -22.56 -2.92 -8.64
C THR B 315 -21.44 -3.87 -8.17
N ILE B 316 -21.59 -4.35 -6.95
CA ILE B 316 -20.64 -5.30 -6.38
C ILE B 316 -20.63 -6.54 -7.25
N CYS B 317 -21.80 -6.93 -7.73
CA CYS B 317 -21.94 -8.10 -8.58
C CYS B 317 -21.11 -7.96 -9.83
N ASP B 318 -21.33 -6.89 -10.56
CA ASP B 318 -20.58 -6.68 -11.80
C ASP B 318 -19.10 -6.68 -11.51
N LEU B 319 -18.72 -6.01 -10.44
CA LEU B 319 -17.34 -5.90 -10.03
C LEU B 319 -16.74 -7.29 -9.96
N ALA B 320 -17.38 -8.16 -9.17
CA ALA B 320 -16.89 -9.52 -9.01
C ALA B 320 -16.94 -10.30 -10.32
N ARG B 321 -18.03 -10.16 -11.04
CA ARG B 321 -18.18 -10.87 -12.30
C ARG B 321 -17.20 -10.38 -13.35
N THR B 322 -16.79 -9.12 -13.24
CA THR B 322 -15.82 -8.57 -14.20
C THR B 322 -14.40 -8.92 -13.80
N PHE B 323 -14.15 -8.92 -12.48
CA PHE B 323 -12.84 -9.29 -11.97
C PHE B 323 -12.56 -10.71 -12.47
N ALA B 324 -13.51 -11.61 -12.22
CA ALA B 324 -13.37 -13.03 -12.61
C ALA B 324 -13.13 -13.25 -14.10
N ARG B 325 -13.97 -12.63 -14.92
CA ARG B 325 -13.89 -12.76 -16.36
C ARG B 325 -12.53 -12.31 -16.91
N GLU B 326 -11.98 -11.25 -16.30
CA GLU B 326 -10.72 -10.69 -16.77
C GLU B 326 -9.45 -11.27 -16.14
N MET B 327 -9.50 -11.60 -14.86
CA MET B 327 -8.31 -12.14 -14.20
C MET B 327 -8.32 -13.58 -13.86
N GLY B 328 -9.49 -14.21 -13.93
CA GLY B 328 -9.56 -15.64 -13.66
C GLY B 328 -8.85 -16.41 -14.77
N GLU B 329 -8.20 -17.52 -14.43
CA GLU B 329 -7.43 -18.40 -15.35
C GLU B 329 -6.65 -19.48 -14.54
S SO4 C . 13.89 20.76 -1.67
O1 SO4 C . 12.59 21.11 -2.12
O2 SO4 C . 13.93 20.73 -0.29
O3 SO4 C . 14.29 19.48 -2.26
O4 SO4 C . 14.79 21.81 -1.93
C4' AHU D . 15.61 13.83 -2.85
C7' AHU D . 14.70 14.10 -1.74
O7' AHU D . 14.04 15.26 -2.19
O5' AHU D . 16.00 12.43 -2.91
C6' AHU D . 14.87 11.58 -2.90
C1' AHU D . 14.01 11.72 -4.16
C2' AHU D . 13.71 13.20 -4.38
C3' AHU D . 14.88 14.10 -4.14
O3' AHU D . 15.87 14.09 -5.06
N1 AHU D . 12.83 10.90 -3.93
C6 AHU D . 11.85 11.24 -3.00
C2 AHU D . 12.76 9.78 -4.74
O2 AHU D . 13.57 9.46 -5.60
N3 AHU D . 11.62 9.08 -4.50
C4 AHU D . 10.61 9.36 -3.56
O4 AHU D . 9.71 8.54 -3.53
C5 AHU D . 10.79 10.54 -2.76
I AHU D . 9.53 11.18 -1.26
S SO4 E . -4.89 -24.03 -2.92
O1 SO4 E . -5.28 -24.15 -1.59
O2 SO4 E . -6.06 -23.64 -3.54
O3 SO4 E . -3.93 -23.05 -3.15
O4 SO4 E . -4.38 -25.24 -3.24
C4' AHU F . 0.74 -19.84 -5.94
C7' AHU F . -0.70 -19.14 -6.17
O7' AHU F . -0.86 -17.70 -5.72
O5' AHU F . 1.85 -19.06 -6.39
C6' AHU F . 1.81 -17.70 -5.93
C1' AHU F . 2.16 -17.71 -4.51
C2' AHU F . 1.36 -18.71 -3.85
C3' AHU F . 1.21 -20.01 -4.59
O3' AHU F . 2.45 -20.63 -4.75
N1 AHU F . 1.83 -16.38 -4.00
C6 AHU F . 0.53 -15.90 -3.75
C2 AHU F . 2.91 -15.64 -3.74
O2 AHU F . 4.03 -16.02 -3.89
N3 AHU F . 2.73 -14.48 -3.28
C4 AHU F . 1.53 -13.91 -3.00
O4 AHU F . 1.65 -12.79 -2.53
C5 AHU F . 0.34 -14.68 -3.27
I AHU F . -1.59 -13.98 -2.98
#